data_4KB0
#
_entry.id   4KB0
#
_cell.length_a   60.257
_cell.length_b   81.944
_cell.length_c   73.444
_cell.angle_alpha   90.00
_cell.angle_beta   105.46
_cell.angle_gamma   90.00
#
_symmetry.space_group_name_H-M   'P 1 21 1'
#
loop_
_entity.id
_entity.type
_entity.pdbx_description
1 polymer 'Ribonuclease T'
2 polymer "DNA (5'-D(*GP*GP*CP*CP*CP*TP*CP*TP*TP*TP*AP*GP*GP*GP*CP*CP*CP*C)-3')"
3 non-polymer 'MAGNESIUM ION'
4 water water
#
loop_
_entity_poly.entity_id
_entity_poly.type
_entity_poly.pdbx_seq_one_letter_code
_entity_poly.pdbx_strand_id
1 'polypeptide(L)'
;MGSSHHHHHHSSGLVPRGSHMSDNAQLTGLCDRFRGFYPVVIDVETAGFNAKTDALLEIAAITLKMDEQGWLMPDTTLHF
HVEPFVGANLQPEALAFNGIDPNDPDRGAVSEYEALHEIFKVVRKGIKASGCNRAIMVAHNANFDHSFMMAAAERASLKR
NPFHPFATFDTAALAGLALGQTVLSKACQTAGMDFDSTQAHSALYDTERTAVLFCEIVNRWKRLGGWPLSAAEEV
;
A,B
2 'polydeoxyribonucleotide' (DG)(DG)(DC)(DC)(DC)(DT)(DC)(DT)(DT)(DT)(DA)(DG)(DG)(DG)(DC)(DC)(DC)(DC) C,D
#
loop_
_chem_comp.id
_chem_comp.type
_chem_comp.name
_chem_comp.formula
DA DNA linking 2'-DEOXYADENOSINE-5'-MONOPHOSPHATE 'C10 H14 N5 O6 P'
DC DNA linking 2'-DEOXYCYTIDINE-5'-MONOPHOSPHATE 'C9 H14 N3 O7 P'
DG DNA linking 2'-DEOXYGUANOSINE-5'-MONOPHOSPHATE 'C10 H14 N5 O7 P'
DT DNA linking THYMIDINE-5'-MONOPHOSPHATE 'C10 H15 N2 O8 P'
MG non-polymer 'MAGNESIUM ION' 'Mg 2'
#
# COMPACT_ATOMS: atom_id res chain seq x y z
N LEU A 27 20.98 -14.88 3.41
CA LEU A 27 20.04 -14.82 2.30
C LEU A 27 20.70 -15.06 0.92
N THR A 28 21.63 -14.22 0.43
CA THR A 28 22.02 -12.91 0.97
C THR A 28 21.82 -11.86 -0.11
N GLY A 29 21.36 -12.30 -1.28
CA GLY A 29 21.25 -11.44 -2.44
C GLY A 29 19.90 -10.75 -2.59
N LEU A 30 19.93 -9.50 -3.03
CA LEU A 30 18.74 -8.67 -3.14
C LEU A 30 17.62 -9.30 -3.98
N CYS A 31 18.01 -10.06 -5.00
CA CYS A 31 17.04 -10.70 -5.89
C CYS A 31 16.26 -11.81 -5.20
N ASP A 32 16.79 -12.31 -4.09
CA ASP A 32 16.16 -13.42 -3.37
C ASP A 32 15.28 -12.93 -2.23
N ARG A 33 15.30 -11.62 -1.96
CA ARG A 33 14.62 -11.08 -0.80
C ARG A 33 13.14 -10.77 -1.05
N PHE A 34 12.83 -10.22 -2.22
CA PHE A 34 11.45 -9.87 -2.53
C PHE A 34 10.99 -10.47 -3.86
N ARG A 35 11.00 -11.80 -3.92
CA ARG A 35 10.68 -12.57 -5.14
C ARG A 35 11.13 -11.98 -6.48
N GLY A 36 12.31 -11.38 -6.49
CA GLY A 36 12.88 -10.84 -7.71
C GLY A 36 12.51 -9.40 -7.97
N PHE A 37 11.84 -8.77 -7.01
CA PHE A 37 11.49 -7.35 -7.14
C PHE A 37 12.64 -6.47 -6.66
N TYR A 38 12.90 -5.41 -7.42
CA TYR A 38 13.98 -4.47 -7.13
C TYR A 38 13.40 -3.22 -6.49
N PRO A 39 13.47 -3.13 -5.15
CA PRO A 39 12.84 -2.02 -4.43
C PRO A 39 13.52 -0.67 -4.69
N VAL A 40 12.74 0.30 -5.16
CA VAL A 40 13.25 1.65 -5.40
C VAL A 40 12.43 2.67 -4.63
N VAL A 41 13.09 3.38 -3.71
CA VAL A 41 12.41 4.35 -2.88
C VAL A 41 12.11 5.64 -3.65
N ILE A 42 10.86 6.07 -3.61
CA ILE A 42 10.41 7.22 -4.38
C ILE A 42 9.60 8.19 -3.53
N ASP A 43 9.88 9.49 -3.70
CA ASP A 43 9.01 10.52 -3.15
C ASP A 43 8.86 11.65 -4.16
N VAL A 44 7.63 12.14 -4.28
CA VAL A 44 7.34 13.23 -5.22
C VAL A 44 6.73 14.42 -4.51
N GLU A 45 6.97 15.60 -5.07
CA GLU A 45 6.28 16.81 -4.62
C GLU A 45 5.37 17.26 -5.77
N THR A 46 4.14 17.60 -5.44
CA THR A 46 3.14 17.88 -6.47
C THR A 46 2.43 19.20 -6.23
N ALA A 47 1.53 19.55 -7.17
CA ALA A 47 0.73 20.75 -7.05
C ALA A 47 -0.72 20.38 -6.75
N GLY A 48 -0.92 19.27 -6.05
CA GLY A 48 -2.25 18.81 -5.69
C GLY A 48 -2.30 17.33 -5.42
N PHE A 49 -3.52 16.81 -5.20
CA PHE A 49 -3.70 15.40 -4.89
C PHE A 49 -4.18 14.60 -6.11
N ASN A 50 -4.55 15.29 -7.18
CA ASN A 50 -5.04 14.63 -8.38
C ASN A 50 -3.91 14.30 -9.34
N ALA A 51 -3.54 13.02 -9.41
CA ALA A 51 -2.43 12.57 -10.24
C ALA A 51 -2.70 12.77 -11.73
N LYS A 52 -3.97 12.80 -12.10
CA LYS A 52 -4.37 12.95 -13.49
C LYS A 52 -4.17 14.38 -14.00
N THR A 53 -4.47 15.35 -13.15
CA THR A 53 -4.54 16.74 -13.59
C THR A 53 -3.50 17.67 -12.96
N ASP A 54 -3.09 17.36 -11.73
CA ASP A 54 -2.16 18.23 -11.01
C ASP A 54 -0.71 17.99 -11.43
N ALA A 55 0.09 19.05 -11.34
CA ALA A 55 1.47 19.01 -11.83
C ALA A 55 2.42 18.23 -10.95
N LEU A 56 3.38 17.56 -11.58
CA LEU A 56 4.50 16.95 -10.87
C LEU A 56 5.63 17.98 -10.82
N LEU A 57 6.06 18.33 -9.62
CA LEU A 57 7.01 19.43 -9.45
C LEU A 57 8.40 18.97 -9.04
N GLU A 58 8.50 17.79 -8.44
CA GLU A 58 9.77 17.30 -7.94
C GLU A 58 9.73 15.80 -7.72
N ILE A 59 10.87 15.14 -7.90
CA ILE A 59 10.97 13.70 -7.67
C ILE A 59 12.38 13.27 -7.28
N ALA A 60 12.47 12.39 -6.30
CA ALA A 60 13.74 11.82 -5.88
C ALA A 60 13.64 10.31 -5.85
N ALA A 61 14.73 9.63 -6.19
CA ALA A 61 14.75 8.18 -6.25
C ALA A 61 15.98 7.61 -5.56
N ILE A 62 15.79 6.55 -4.77
CA ILE A 62 16.90 5.89 -4.10
C ILE A 62 16.83 4.38 -4.26
N THR A 63 17.79 3.83 -5.00
CA THR A 63 17.89 2.39 -5.17
C THR A 63 18.55 1.78 -3.95
N LEU A 64 18.35 0.48 -3.75
CA LEU A 64 18.88 -0.20 -2.58
C LEU A 64 19.83 -1.32 -2.99
N LYS A 65 20.60 -1.82 -2.02
CA LYS A 65 21.51 -2.92 -2.24
C LYS A 65 21.72 -3.69 -0.95
N MET A 66 22.14 -4.94 -1.07
CA MET A 66 22.48 -5.74 0.10
C MET A 66 23.96 -6.08 0.09
N ASP A 67 24.59 -5.97 1.26
CA ASP A 67 25.99 -6.36 1.38
C ASP A 67 26.13 -7.88 1.37
N GLU A 68 27.36 -8.36 1.49
CA GLU A 68 27.65 -9.78 1.48
C GLU A 68 26.97 -10.53 2.64
N GLN A 69 26.67 -9.80 3.71
CA GLN A 69 26.03 -10.39 4.89
C GLN A 69 24.51 -10.41 4.77
N GLY A 70 23.98 -9.63 3.83
CA GLY A 70 22.55 -9.62 3.57
C GLY A 70 21.79 -8.48 4.22
N TRP A 71 22.52 -7.42 4.59
CA TRP A 71 21.90 -6.25 5.19
C TRP A 71 21.53 -5.22 4.11
N LEU A 72 20.35 -4.62 4.26
CA LEU A 72 19.84 -3.69 3.25
C LEU A 72 20.30 -2.26 3.52
N MET A 73 20.65 -1.55 2.45
CA MET A 73 21.16 -0.18 2.58
C MET A 73 20.96 0.59 1.27
N PRO A 74 20.88 1.93 1.35
CA PRO A 74 20.73 2.78 0.16
C PRO A 74 21.90 2.63 -0.81
N ASP A 75 21.61 2.71 -2.10
CA ASP A 75 22.64 2.56 -3.13
C ASP A 75 22.84 3.85 -3.92
N THR A 76 22.03 4.05 -4.96
CA THR A 76 22.14 5.23 -5.81
C THR A 76 21.02 6.22 -5.52
N THR A 77 21.37 7.49 -5.42
CA THR A 77 20.38 8.54 -5.16
C THR A 77 20.25 9.49 -6.35
N LEU A 78 19.02 9.66 -6.83
CA LEU A 78 18.73 10.61 -7.90
C LEU A 78 17.73 11.65 -7.41
N HIS A 79 17.78 12.84 -8.00
CA HIS A 79 16.89 13.92 -7.61
C HIS A 79 16.72 14.94 -8.74
N PHE A 80 15.46 15.25 -9.06
CA PHE A 80 15.16 16.18 -10.14
C PHE A 80 14.07 17.17 -9.74
N HIS A 81 14.24 18.42 -10.16
CA HIS A 81 13.16 19.39 -10.10
C HIS A 81 12.40 19.30 -11.41
N VAL A 82 11.08 19.31 -11.35
CA VAL A 82 10.26 19.01 -12.53
C VAL A 82 9.39 20.18 -12.98
N GLU A 83 9.45 20.49 -14.27
CA GLU A 83 8.57 21.48 -14.87
C GLU A 83 7.14 20.93 -14.87
N PRO A 84 6.17 21.79 -14.54
CA PRO A 84 4.77 21.38 -14.66
C PRO A 84 4.43 21.12 -16.13
N PHE A 85 3.89 19.95 -16.43
CA PHE A 85 3.54 19.62 -17.81
C PHE A 85 2.52 20.64 -18.33
N VAL A 86 2.53 20.89 -19.64
CA VAL A 86 1.68 21.93 -20.18
C VAL A 86 0.19 21.56 -20.04
N GLY A 87 -0.59 22.50 -19.52
CA GLY A 87 -1.98 22.24 -19.24
C GLY A 87 -2.23 21.68 -17.85
N ALA A 88 -1.20 21.70 -17.01
CA ALA A 88 -1.32 21.17 -15.65
C ALA A 88 -2.05 22.14 -14.74
N ASN A 89 -2.76 21.57 -13.76
CA ASN A 89 -3.42 22.37 -12.74
C ASN A 89 -2.50 22.60 -11.55
N LEU A 90 -2.57 23.79 -10.97
CA LEU A 90 -1.73 24.14 -9.82
C LEU A 90 -2.60 24.59 -8.65
N GLN A 91 -2.62 23.80 -7.58
CA GLN A 91 -3.38 24.16 -6.39
C GLN A 91 -2.51 24.99 -5.45
N PRO A 92 -2.98 26.21 -5.12
CA PRO A 92 -2.26 27.13 -4.23
C PRO A 92 -1.96 26.52 -2.86
N GLU A 93 -2.90 25.76 -2.32
CA GLU A 93 -2.71 25.11 -1.03
C GLU A 93 -1.55 24.13 -1.06
N ALA A 94 -1.40 23.45 -2.20
CA ALA A 94 -0.30 22.50 -2.39
C ALA A 94 1.03 23.22 -2.46
N LEU A 95 1.05 24.32 -3.21
CA LEU A 95 2.26 25.13 -3.35
C LEU A 95 2.63 25.77 -2.02
N ALA A 96 1.63 26.11 -1.23
CA ALA A 96 1.86 26.68 0.09
C ALA A 96 2.47 25.64 1.02
N PHE A 97 2.08 24.39 0.84
CA PHE A 97 2.59 23.30 1.67
C PHE A 97 4.06 23.00 1.39
N ASN A 98 4.38 22.74 0.12
CA ASN A 98 5.74 22.35 -0.25
C ASN A 98 6.67 23.53 -0.53
N GLY A 99 6.09 24.74 -0.58
CA GLY A 99 6.87 25.95 -0.78
C GLY A 99 7.61 26.00 -2.10
N ILE A 100 7.04 25.36 -3.12
CA ILE A 100 7.67 25.31 -4.43
C ILE A 100 7.08 26.34 -5.38
N ASP A 101 7.94 27.15 -5.98
CA ASP A 101 7.51 28.15 -6.96
C ASP A 101 7.90 27.70 -8.37
N PRO A 102 6.93 27.17 -9.13
CA PRO A 102 7.16 26.63 -10.47
C PRO A 102 7.60 27.69 -11.47
N ASN A 103 7.41 28.96 -11.13
CA ASN A 103 7.76 30.06 -12.02
C ASN A 103 9.18 30.58 -11.81
N ASP A 104 9.85 30.04 -10.79
CA ASP A 104 11.24 30.40 -10.53
C ASP A 104 12.12 29.85 -11.65
N PRO A 105 12.80 30.75 -12.38
CA PRO A 105 13.66 30.35 -13.49
C PRO A 105 14.96 29.72 -13.01
N ASP A 106 15.30 29.92 -11.74
CA ASP A 106 16.54 29.40 -11.18
C ASP A 106 16.32 28.08 -10.44
N ARG A 107 15.20 27.43 -10.69
CA ARG A 107 14.92 26.13 -10.08
C ARG A 107 15.88 25.07 -10.59
N GLY A 108 16.18 25.13 -11.88
CA GLY A 108 16.98 24.10 -12.52
C GLY A 108 16.10 22.90 -12.84
N ALA A 109 14.84 23.18 -13.14
CA ALA A 109 13.86 22.14 -13.41
C ALA A 109 14.00 21.55 -14.81
N VAL A 110 13.63 20.29 -14.95
CA VAL A 110 13.62 19.63 -16.25
C VAL A 110 12.24 19.05 -16.52
N SER A 111 12.04 18.55 -17.73
CA SER A 111 10.75 17.96 -18.10
C SER A 111 10.51 16.65 -17.36
N GLU A 112 9.26 16.22 -17.32
CA GLU A 112 8.91 14.92 -16.73
C GLU A 112 9.62 13.80 -17.45
N TYR A 113 9.71 13.94 -18.77
CA TYR A 113 10.38 12.95 -19.61
C TYR A 113 11.81 12.75 -19.16
N GLU A 114 12.58 13.84 -19.14
CA GLU A 114 14.00 13.79 -18.80
C GLU A 114 14.25 13.21 -17.41
N ALA A 115 13.43 13.62 -16.45
CA ALA A 115 13.58 13.15 -15.08
C ALA A 115 13.33 11.65 -14.96
N LEU A 116 12.20 11.20 -15.49
CA LEU A 116 11.82 9.79 -15.41
C LEU A 116 12.66 8.89 -16.31
N HIS A 117 13.11 9.44 -17.44
CA HIS A 117 13.93 8.67 -18.37
C HIS A 117 15.26 8.29 -17.73
N GLU A 118 15.81 9.21 -16.92
CA GLU A 118 17.06 8.97 -16.23
C GLU A 118 16.86 8.01 -15.06
N ILE A 119 15.76 8.20 -14.33
CA ILE A 119 15.43 7.31 -13.22
C ILE A 119 15.23 5.88 -13.73
N PHE A 120 14.45 5.74 -14.80
CA PHE A 120 14.19 4.43 -15.39
C PHE A 120 15.49 3.75 -15.85
N LYS A 121 16.38 4.54 -16.44
CA LYS A 121 17.66 4.02 -16.92
C LYS A 121 18.49 3.45 -15.79
N VAL A 122 18.62 4.22 -14.70
CA VAL A 122 19.36 3.79 -13.53
C VAL A 122 18.70 2.56 -12.89
N VAL A 123 17.37 2.55 -12.86
CA VAL A 123 16.62 1.44 -12.31
C VAL A 123 16.82 0.16 -13.12
N ARG A 124 16.67 0.26 -14.44
CA ARG A 124 16.89 -0.88 -15.32
C ARG A 124 18.31 -1.43 -15.18
N LYS A 125 19.27 -0.52 -14.99
CA LYS A 125 20.65 -0.92 -14.77
C LYS A 125 20.79 -1.67 -13.45
N GLY A 126 20.11 -1.18 -12.42
CA GLY A 126 20.13 -1.81 -11.11
C GLY A 126 19.46 -3.18 -11.12
N ILE A 127 18.38 -3.30 -11.88
CA ILE A 127 17.67 -4.57 -12.04
C ILE A 127 18.57 -5.60 -12.68
N LYS A 128 19.29 -5.19 -13.72
CA LYS A 128 20.17 -6.07 -14.48
C LYS A 128 21.31 -6.59 -13.61
N ALA A 129 21.96 -5.67 -12.90
CA ALA A 129 23.14 -6.01 -12.09
C ALA A 129 22.79 -6.88 -10.88
N SER A 130 21.61 -6.65 -10.30
CA SER A 130 21.20 -7.38 -9.11
C SER A 130 20.64 -8.76 -9.44
N GLY A 131 20.18 -8.92 -10.68
CA GLY A 131 19.58 -10.18 -11.10
C GLY A 131 18.08 -10.21 -10.83
N CYS A 132 17.52 -9.05 -10.53
CA CYS A 132 16.08 -8.93 -10.30
C CYS A 132 15.32 -8.97 -11.62
N ASN A 133 13.99 -9.03 -11.54
CA ASN A 133 13.15 -9.12 -12.73
C ASN A 133 12.44 -7.80 -13.02
N ARG A 134 12.01 -7.13 -11.96
CA ARG A 134 11.22 -5.90 -12.09
C ARG A 134 11.41 -5.04 -10.85
N ALA A 135 11.21 -3.74 -11.00
CA ALA A 135 11.29 -2.82 -9.87
C ALA A 135 9.94 -2.64 -9.19
N ILE A 136 9.97 -2.42 -7.88
CA ILE A 136 8.76 -2.10 -7.13
C ILE A 136 9.00 -0.82 -6.33
N MET A 137 8.00 0.06 -6.34
CA MET A 137 8.16 1.36 -5.67
C MET A 137 7.99 1.28 -4.16
N VAL A 138 8.98 1.78 -3.44
CA VAL A 138 8.88 1.94 -2.00
C VAL A 138 8.58 3.41 -1.71
N ALA A 139 7.48 3.66 -1.00
CA ALA A 139 7.08 5.03 -0.70
C ALA A 139 6.13 5.09 0.49
N HIS A 140 6.11 6.23 1.18
CA HIS A 140 5.21 6.41 2.31
C HIS A 140 3.83 6.83 1.81
N ASN A 141 2.82 6.02 2.14
CA ASN A 141 1.51 6.10 1.49
C ASN A 141 1.73 5.99 -0.01
N ALA A 142 2.27 4.84 -0.41
CA ALA A 142 2.87 4.65 -1.73
C ALA A 142 1.97 4.91 -2.93
N ASN A 143 0.67 4.74 -2.76
CA ASN A 143 -0.26 4.93 -3.88
C ASN A 143 -0.23 6.34 -4.43
N PHE A 144 0.05 7.31 -3.57
CA PHE A 144 0.17 8.70 -3.99
C PHE A 144 1.30 8.87 -4.99
N ASP A 145 2.50 8.51 -4.57
CA ASP A 145 3.69 8.65 -5.42
C ASP A 145 3.60 7.76 -6.65
N HIS A 146 3.02 6.58 -6.49
CA HIS A 146 2.89 5.63 -7.60
C HIS A 146 1.95 6.15 -8.67
N SER A 147 0.82 6.73 -8.25
CA SER A 147 -0.15 7.27 -9.19
C SER A 147 0.40 8.45 -9.97
N PHE A 148 1.19 9.29 -9.30
CA PHE A 148 1.78 10.45 -9.96
C PHE A 148 2.89 10.08 -10.94
N MET A 149 3.68 9.06 -10.58
CA MET A 149 4.76 8.63 -11.46
C MET A 149 4.22 7.92 -12.70
N MET A 150 3.19 7.09 -12.52
CA MET A 150 2.57 6.39 -13.63
C MET A 150 1.88 7.37 -14.58
N ALA A 151 1.27 8.40 -14.02
CA ALA A 151 0.60 9.43 -14.81
C ALA A 151 1.61 10.23 -15.62
N ALA A 152 2.74 10.54 -15.00
CA ALA A 152 3.81 11.30 -15.66
C ALA A 152 4.47 10.49 -16.77
N ALA A 153 4.62 9.18 -16.52
CA ALA A 153 5.18 8.28 -17.52
C ALA A 153 4.25 8.16 -18.72
N GLU A 154 2.95 8.25 -18.45
CA GLU A 154 1.94 8.20 -19.49
C GLU A 154 2.02 9.45 -20.38
N ARG A 155 2.08 10.62 -19.75
CA ARG A 155 2.16 11.88 -20.48
C ARG A 155 3.44 11.99 -21.31
N ALA A 156 4.54 11.55 -20.72
CA ALA A 156 5.84 11.64 -21.38
C ALA A 156 6.03 10.54 -22.42
N SER A 157 5.03 9.67 -22.54
CA SER A 157 5.06 8.55 -23.48
C SER A 157 6.29 7.67 -23.28
N LEU A 158 6.67 7.44 -22.04
CA LEU A 158 7.82 6.59 -21.74
C LEU A 158 7.52 5.11 -21.92
N LYS A 159 8.49 4.41 -22.49
CA LYS A 159 8.36 2.99 -22.80
C LYS A 159 9.14 2.13 -21.81
N ARG A 160 8.72 0.88 -21.67
CA ARG A 160 9.37 -0.09 -20.80
C ARG A 160 9.50 0.39 -19.36
N ASN A 161 8.38 0.83 -18.77
CA ASN A 161 8.35 1.23 -17.37
C ASN A 161 8.76 0.04 -16.51
N PRO A 162 9.91 0.15 -15.83
CA PRO A 162 10.48 -0.96 -15.06
C PRO A 162 9.74 -1.20 -13.75
N PHE A 163 8.84 -0.29 -13.38
CA PHE A 163 8.10 -0.40 -12.13
C PHE A 163 6.84 -1.24 -12.28
N HIS A 164 6.49 -1.97 -11.23
CA HIS A 164 5.26 -2.74 -11.20
C HIS A 164 4.08 -1.79 -11.34
N PRO A 165 3.13 -2.13 -12.21
CA PRO A 165 2.00 -1.24 -12.53
C PRO A 165 0.94 -1.08 -11.44
N PHE A 166 0.96 -1.93 -10.40
CA PHE A 166 -0.02 -1.78 -9.33
C PHE A 166 0.47 -2.21 -7.94
N ALA A 167 1.58 -2.93 -7.89
CA ALA A 167 2.14 -3.38 -6.62
C ALA A 167 3.15 -2.38 -6.06
N THR A 168 3.07 -2.11 -4.76
CA THR A 168 3.99 -1.20 -4.10
C THR A 168 4.42 -1.71 -2.73
N PHE A 169 5.47 -1.11 -2.18
CA PHE A 169 5.86 -1.34 -0.79
C PHE A 169 5.61 -0.08 0.02
N ASP A 170 4.44 -0.02 0.66
CA ASP A 170 4.05 1.15 1.44
C ASP A 170 4.70 1.13 2.82
N THR A 171 5.60 2.08 3.07
CA THR A 171 6.30 2.15 4.34
C THR A 171 5.39 2.57 5.50
N ALA A 172 4.23 3.12 5.18
CA ALA A 172 3.25 3.48 6.20
C ALA A 172 2.65 2.22 6.82
N ALA A 173 2.34 1.25 5.98
CA ALA A 173 1.82 -0.04 6.44
C ALA A 173 2.91 -0.84 7.14
N LEU A 174 4.11 -0.82 6.56
CA LEU A 174 5.25 -1.54 7.12
C LEU A 174 5.64 -0.98 8.49
N ALA A 175 5.60 0.34 8.64
CA ALA A 175 5.91 0.97 9.92
C ALA A 175 4.80 0.69 10.92
N GLY A 176 3.58 0.54 10.42
CA GLY A 176 2.45 0.18 11.26
C GLY A 176 2.70 -1.16 11.93
N LEU A 177 3.17 -2.12 11.13
CA LEU A 177 3.53 -3.44 11.64
C LEU A 177 4.74 -3.37 12.56
N ALA A 178 5.82 -2.79 12.04
CA ALA A 178 7.10 -2.80 12.74
C ALA A 178 7.16 -1.88 13.96
N LEU A 179 6.53 -0.73 13.87
CA LEU A 179 6.72 0.32 14.88
C LEU A 179 5.42 0.79 15.53
N GLY A 180 4.28 0.35 15.00
CA GLY A 180 3.00 0.77 15.53
C GLY A 180 2.68 2.22 15.22
N GLN A 181 3.36 2.76 14.21
CA GLN A 181 3.16 4.15 13.80
C GLN A 181 3.02 4.23 12.28
N THR A 182 2.21 5.15 11.79
CA THR A 182 1.96 5.26 10.35
C THR A 182 2.42 6.61 9.78
N VAL A 183 2.61 7.59 10.64
CA VAL A 183 3.11 8.89 10.22
C VAL A 183 4.63 8.83 10.07
N LEU A 184 5.13 9.29 8.92
CA LEU A 184 6.54 9.17 8.58
C LEU A 184 7.48 9.75 9.65
N SER A 185 7.16 10.93 10.14
CA SER A 185 7.98 11.58 11.17
C SER A 185 8.02 10.73 12.44
N LYS A 186 6.86 10.29 12.91
CA LYS A 186 6.76 9.51 14.12
C LYS A 186 7.39 8.12 13.97
N ALA A 187 7.21 7.52 12.78
CA ALA A 187 7.76 6.21 12.51
C ALA A 187 9.28 6.21 12.60
N CYS A 188 9.90 7.22 11.98
CA CYS A 188 11.36 7.36 12.01
C CYS A 188 11.86 7.57 13.44
N GLN A 189 11.19 8.45 14.18
CA GLN A 189 11.55 8.73 15.56
C GLN A 189 11.41 7.48 16.43
N THR A 190 10.32 6.74 16.22
CA THR A 190 10.06 5.51 16.96
C THR A 190 11.14 4.47 16.65
N ALA A 191 11.63 4.49 15.41
CA ALA A 191 12.66 3.54 15.00
C ALA A 191 14.05 3.96 15.48
N GLY A 192 14.11 5.08 16.18
CA GLY A 192 15.39 5.57 16.70
C GLY A 192 16.20 6.30 15.65
N MET A 193 15.53 6.71 14.57
CA MET A 193 16.19 7.46 13.52
C MET A 193 16.17 8.96 13.83
N ASP A 194 17.05 9.70 13.17
CA ASP A 194 17.01 11.15 13.24
C ASP A 194 15.93 11.65 12.29
N PHE A 195 15.18 12.67 12.70
CA PHE A 195 14.21 13.28 11.81
C PHE A 195 14.06 14.77 12.08
N ASP A 196 14.47 15.58 11.11
CA ASP A 196 14.43 17.03 11.22
C ASP A 196 13.18 17.58 10.55
N SER A 197 12.30 18.18 11.35
CA SER A 197 11.05 18.73 10.83
C SER A 197 11.29 19.95 9.94
N THR A 198 12.46 20.57 10.08
CA THR A 198 12.79 21.74 9.29
C THR A 198 13.24 21.35 7.88
N GLN A 199 13.60 20.08 7.71
CA GLN A 199 13.99 19.56 6.40
C GLN A 199 12.86 18.76 5.77
N ALA A 200 11.83 18.49 6.56
CA ALA A 200 10.69 17.70 6.11
C ALA A 200 9.94 18.37 4.96
N HIS A 201 9.09 17.59 4.30
CA HIS A 201 8.28 18.08 3.18
C HIS A 201 9.14 18.56 2.00
N SER A 202 10.32 17.97 1.88
CA SER A 202 11.18 18.17 0.73
C SER A 202 11.49 16.80 0.12
N ALA A 203 11.48 16.71 -1.20
CA ALA A 203 11.58 15.43 -1.90
C ALA A 203 12.81 14.60 -1.55
N LEU A 204 13.98 15.24 -1.57
CA LEU A 204 15.23 14.52 -1.33
C LEU A 204 15.34 14.02 0.10
N TYR A 205 14.99 14.86 1.06
CA TYR A 205 15.07 14.49 2.47
C TYR A 205 14.04 13.43 2.83
N ASP A 206 12.82 13.60 2.32
CA ASP A 206 11.76 12.62 2.56
C ASP A 206 12.12 11.25 2.01
N THR A 207 12.66 11.23 0.79
CA THR A 207 13.07 9.98 0.15
C THR A 207 14.17 9.30 0.95
N GLU A 208 15.13 10.09 1.42
CA GLU A 208 16.27 9.56 2.17
C GLU A 208 15.82 8.96 3.49
N ARG A 209 14.95 9.67 4.19
CA ARG A 209 14.44 9.19 5.47
C ARG A 209 13.54 7.96 5.29
N THR A 210 12.79 7.94 4.19
CA THR A 210 11.95 6.79 3.88
C THR A 210 12.80 5.57 3.55
N ALA A 211 13.88 5.80 2.81
CA ALA A 211 14.80 4.73 2.44
C ALA A 211 15.46 4.11 3.66
N VAL A 212 15.91 4.96 4.58
CA VAL A 212 16.54 4.48 5.82
C VAL A 212 15.52 3.76 6.69
N LEU A 213 14.29 4.27 6.71
CA LEU A 213 13.21 3.64 7.46
C LEU A 213 12.90 2.24 6.94
N PHE A 214 12.80 2.12 5.62
CA PHE A 214 12.51 0.84 4.99
C PHE A 214 13.63 -0.17 5.23
N CYS A 215 14.87 0.29 5.10
CA CYS A 215 16.04 -0.56 5.33
C CYS A 215 16.10 -1.03 6.78
N GLU A 216 15.77 -0.13 7.71
CA GLU A 216 15.77 -0.44 9.12
C GLU A 216 14.72 -1.49 9.47
N ILE A 217 13.53 -1.34 8.90
CA ILE A 217 12.45 -2.30 9.11
C ILE A 217 12.84 -3.69 8.61
N VAL A 218 13.39 -3.74 7.40
CA VAL A 218 13.84 -4.99 6.81
C VAL A 218 14.98 -5.61 7.63
N ASN A 219 15.97 -4.79 7.97
CA ASN A 219 17.12 -5.26 8.75
C ASN A 219 16.73 -5.71 10.15
N ARG A 220 15.76 -5.06 10.75
CA ARG A 220 15.28 -5.43 12.08
C ARG A 220 14.63 -6.80 12.07
N TRP A 221 13.89 -7.10 11.00
CA TRP A 221 13.23 -8.38 10.86
C TRP A 221 14.25 -9.50 10.75
N LYS A 222 15.34 -9.23 10.04
CA LYS A 222 16.45 -10.18 9.94
C LYS A 222 17.15 -10.29 11.29
N ARG A 223 17.26 -9.16 11.98
CA ARG A 223 17.91 -9.11 13.29
C ARG A 223 17.16 -9.94 14.32
N LEU A 224 15.84 -9.97 14.20
CA LEU A 224 14.99 -10.69 15.14
C LEU A 224 14.89 -12.18 14.79
N GLY A 225 15.48 -12.56 13.65
CA GLY A 225 15.47 -13.95 13.22
C GLY A 225 14.23 -14.28 12.40
N GLY A 226 13.54 -13.25 11.92
CA GLY A 226 12.36 -13.44 11.10
C GLY A 226 12.74 -13.81 9.68
N TRP A 227 13.96 -13.43 9.30
CA TRP A 227 14.47 -13.73 7.96
C TRP A 227 15.94 -14.14 8.06
N PRO A 228 16.35 -15.17 7.30
CA PRO A 228 15.57 -15.97 6.34
C PRO A 228 14.52 -16.86 7.00
N LEU A 229 13.69 -17.49 6.19
CA LEU A 229 12.62 -18.35 6.69
C LEU A 229 13.15 -19.57 7.43
N SER A 230 14.37 -19.95 7.11
CA SER A 230 15.04 -21.03 7.83
C SER A 230 15.39 -20.56 9.24
N ALA A 231 15.66 -19.27 9.37
CA ALA A 231 15.95 -18.66 10.67
C ALA A 231 14.66 -18.42 11.44
N ALA A 232 13.54 -18.30 10.72
CA ALA A 232 12.23 -18.24 11.35
C ALA A 232 12.02 -19.52 12.13
N GLU A 233 12.51 -20.62 11.56
CA GLU A 233 12.71 -21.87 12.29
C GLU A 233 11.43 -22.40 12.92
N THR B 28 -1.11 -4.57 25.19
CA THR B 28 -1.75 -5.74 24.59
C THR B 28 -3.10 -5.38 23.98
N GLY B 29 -3.48 -4.12 24.11
CA GLY B 29 -4.74 -3.64 23.55
C GLY B 29 -4.64 -3.36 22.07
N LEU B 30 -5.76 -3.53 21.36
CA LEU B 30 -5.80 -3.31 19.92
C LEU B 30 -5.59 -1.83 19.57
N CYS B 31 -6.10 -0.96 20.43
CA CYS B 31 -5.98 0.48 20.22
C CYS B 31 -4.55 0.97 20.40
N ASP B 32 -3.73 0.15 21.04
CA ASP B 32 -2.33 0.50 21.30
C ASP B 32 -1.41 -0.01 20.19
N ARG B 33 -1.92 -0.90 19.36
CA ARG B 33 -1.09 -1.60 18.38
C ARG B 33 -0.82 -0.78 17.12
N PHE B 34 -1.82 -0.07 16.63
CA PHE B 34 -1.68 0.69 15.38
C PHE B 34 -2.12 2.14 15.55
N ARG B 35 -1.46 2.84 16.47
CA ARG B 35 -1.77 4.25 16.82
C ARG B 35 -3.26 4.63 16.82
N GLY B 36 -4.10 3.70 17.26
CA GLY B 36 -5.53 3.97 17.36
C GLY B 36 -6.30 3.62 16.11
N PHE B 37 -5.64 2.97 15.15
CA PHE B 37 -6.31 2.53 13.94
C PHE B 37 -6.98 1.17 14.15
N TYR B 38 -8.20 1.04 13.63
CA TYR B 38 -8.98 -0.18 13.75
C TYR B 38 -8.90 -0.96 12.44
N PRO B 39 -8.03 -1.98 12.39
CA PRO B 39 -7.77 -2.70 11.14
C PRO B 39 -8.95 -3.58 10.70
N VAL B 40 -9.47 -3.29 9.51
CA VAL B 40 -10.58 -4.08 8.96
C VAL B 40 -10.19 -4.68 7.61
N VAL B 41 -10.22 -6.00 7.53
CA VAL B 41 -9.84 -6.71 6.31
C VAL B 41 -10.96 -6.64 5.27
N ILE B 42 -10.61 -6.21 4.07
CA ILE B 42 -11.59 -6.04 2.99
C ILE B 42 -11.13 -6.68 1.69
N ASP B 43 -12.04 -7.37 1.02
CA ASP B 43 -11.82 -7.81 -0.36
C ASP B 43 -13.07 -7.58 -1.19
N VAL B 44 -12.88 -7.07 -2.40
CA VAL B 44 -14.00 -6.83 -3.31
C VAL B 44 -13.87 -7.63 -4.59
N GLU B 45 -15.00 -7.97 -5.19
CA GLU B 45 -15.03 -8.51 -6.54
C GLU B 45 -15.72 -7.50 -7.43
N THR B 46 -15.10 -7.21 -8.57
CA THR B 46 -15.57 -6.12 -9.42
C THR B 46 -15.80 -6.55 -10.86
N ALA B 47 -16.21 -5.60 -11.69
CA ALA B 47 -16.41 -5.85 -13.11
C ALA B 47 -15.36 -5.11 -13.93
N GLY B 48 -14.22 -4.85 -13.31
CA GLY B 48 -13.13 -4.16 -14.00
C GLY B 48 -12.13 -3.54 -13.04
N PHE B 49 -11.16 -2.83 -13.58
CA PHE B 49 -10.12 -2.20 -12.77
C PHE B 49 -10.38 -0.71 -12.52
N ASN B 50 -11.39 -0.17 -13.20
CA ASN B 50 -11.73 1.24 -13.04
C ASN B 50 -12.77 1.45 -11.94
N ALA B 51 -12.32 1.97 -10.80
CA ALA B 51 -13.17 2.13 -9.63
C ALA B 51 -14.34 3.09 -9.83
N LYS B 52 -14.16 4.05 -10.73
CA LYS B 52 -15.17 5.09 -10.94
C LYS B 52 -16.28 4.63 -11.88
N THR B 53 -15.97 3.74 -12.81
CA THR B 53 -16.90 3.37 -13.87
C THR B 53 -17.34 1.92 -13.85
N ASP B 54 -16.51 1.05 -13.27
CA ASP B 54 -16.82 -0.38 -13.25
C ASP B 54 -17.62 -0.77 -12.01
N ALA B 55 -18.46 -1.79 -12.17
CA ALA B 55 -19.40 -2.17 -11.12
C ALA B 55 -18.74 -2.90 -9.96
N LEU B 56 -19.24 -2.63 -8.75
CA LEU B 56 -18.87 -3.41 -7.57
C LEU B 56 -19.88 -4.56 -7.44
N LEU B 57 -19.38 -5.78 -7.43
CA LEU B 57 -20.26 -6.95 -7.48
C LEU B 57 -20.32 -7.73 -6.17
N GLU B 58 -19.28 -7.59 -5.35
CA GLU B 58 -19.18 -8.38 -4.13
C GLU B 58 -18.22 -7.73 -3.15
N ILE B 59 -18.53 -7.83 -1.85
CA ILE B 59 -17.66 -7.28 -0.82
C ILE B 59 -17.78 -8.05 0.49
N ALA B 60 -16.64 -8.32 1.11
CA ALA B 60 -16.62 -8.99 2.40
C ALA B 60 -15.76 -8.19 3.37
N ALA B 61 -16.13 -8.24 4.65
CA ALA B 61 -15.42 -7.48 5.67
C ALA B 61 -15.16 -8.34 6.90
N ILE B 62 -13.95 -8.25 7.44
CA ILE B 62 -13.60 -8.97 8.66
C ILE B 62 -12.88 -8.06 9.65
N THR B 63 -13.56 -7.74 10.75
CA THR B 63 -12.95 -6.96 11.81
C THR B 63 -12.04 -7.86 12.65
N LEU B 64 -11.09 -7.25 13.34
CA LEU B 64 -10.13 -8.00 14.12
C LEU B 64 -10.22 -7.66 15.61
N LYS B 65 -9.60 -8.48 16.44
CA LYS B 65 -9.60 -8.26 17.88
C LYS B 65 -8.35 -8.88 18.49
N MET B 66 -7.92 -8.31 19.62
CA MET B 66 -6.81 -8.89 20.37
C MET B 66 -7.31 -9.52 21.65
N ASP B 67 -6.75 -10.67 21.99
CA ASP B 67 -7.08 -11.30 23.27
C ASP B 67 -6.34 -10.64 24.41
N GLU B 68 -6.44 -11.22 25.60
CA GLU B 68 -5.80 -10.68 26.78
C GLU B 68 -4.27 -10.74 26.68
N GLN B 69 -3.77 -11.65 25.87
CA GLN B 69 -2.33 -11.82 25.70
C GLN B 69 -1.77 -10.98 24.55
N GLY B 70 -2.65 -10.26 23.85
CA GLY B 70 -2.23 -9.37 22.79
C GLY B 70 -2.00 -10.05 21.45
N TRP B 71 -2.61 -11.23 21.26
CA TRP B 71 -2.53 -11.92 19.98
C TRP B 71 -3.70 -11.47 19.10
N LEU B 72 -3.42 -11.26 17.81
CA LEU B 72 -4.42 -10.75 16.88
C LEU B 72 -5.20 -11.89 16.23
N MET B 73 -6.51 -11.69 16.06
CA MET B 73 -7.38 -12.73 15.49
C MET B 73 -8.66 -12.11 14.93
N PRO B 74 -9.27 -12.78 13.95
CA PRO B 74 -10.53 -12.31 13.35
C PRO B 74 -11.66 -12.21 14.37
N ASP B 75 -12.54 -11.22 14.21
CA ASP B 75 -13.65 -11.01 15.13
C ASP B 75 -14.99 -11.26 14.45
N THR B 76 -15.49 -10.25 13.74
CA THR B 76 -16.78 -10.35 13.05
C THR B 76 -16.61 -10.41 11.54
N THR B 77 -17.34 -11.31 10.90
CA THR B 77 -17.26 -11.49 9.45
C THR B 77 -18.54 -11.06 8.75
N LEU B 78 -18.39 -10.23 7.71
CA LEU B 78 -19.52 -9.81 6.90
C LEU B 78 -19.28 -10.16 5.44
N HIS B 79 -20.36 -10.35 4.68
CA HIS B 79 -20.25 -10.67 3.25
C HIS B 79 -21.51 -10.28 2.51
N PHE B 80 -21.34 -9.60 1.38
CA PHE B 80 -22.47 -9.16 0.57
C PHE B 80 -22.23 -9.38 -0.91
N HIS B 81 -23.29 -9.77 -1.63
CA HIS B 81 -23.28 -9.71 -3.08
C HIS B 81 -23.91 -8.39 -3.45
N VAL B 82 -23.30 -7.68 -4.39
CA VAL B 82 -23.71 -6.31 -4.69
C VAL B 82 -24.26 -6.13 -6.10
N GLU B 83 -25.43 -5.51 -6.20
CA GLU B 83 -26.00 -5.15 -7.49
C GLU B 83 -25.14 -4.08 -8.15
N PRO B 84 -24.89 -4.22 -9.45
CA PRO B 84 -24.18 -3.18 -10.20
C PRO B 84 -24.99 -1.89 -10.23
N PHE B 85 -24.36 -0.76 -9.93
CA PHE B 85 -25.07 0.52 -9.91
C PHE B 85 -25.54 0.91 -11.31
N VAL B 86 -26.52 1.79 -11.38
CA VAL B 86 -27.06 2.22 -12.67
C VAL B 86 -26.04 3.01 -13.47
N GLY B 87 -25.73 2.51 -14.67
CA GLY B 87 -24.76 3.14 -15.54
C GLY B 87 -23.38 2.54 -15.40
N ALA B 88 -23.28 1.46 -14.63
CA ALA B 88 -22.00 0.80 -14.40
C ALA B 88 -21.51 0.05 -15.62
N ASN B 89 -20.20 0.10 -15.84
CA ASN B 89 -19.58 -0.67 -16.91
C ASN B 89 -19.22 -2.07 -16.44
N LEU B 90 -19.45 -3.05 -17.31
CA LEU B 90 -19.17 -4.44 -17.00
C LEU B 90 -18.20 -5.03 -18.02
N GLN B 91 -16.95 -5.21 -17.61
CA GLN B 91 -15.94 -5.81 -18.49
C GLN B 91 -16.09 -7.33 -18.51
N PRO B 92 -16.28 -7.90 -19.70
CA PRO B 92 -16.44 -9.34 -19.89
C PRO B 92 -15.24 -10.12 -19.35
N GLU B 93 -14.05 -9.55 -19.50
CA GLU B 93 -12.83 -10.17 -19.04
C GLU B 93 -12.83 -10.34 -17.52
N ALA B 94 -13.39 -9.36 -16.83
CA ALA B 94 -13.50 -9.40 -15.37
C ALA B 94 -14.48 -10.48 -14.93
N LEU B 95 -15.62 -10.53 -15.61
CA LEU B 95 -16.65 -11.51 -15.31
C LEU B 95 -16.17 -12.93 -15.62
N ALA B 96 -15.32 -13.04 -16.63
CA ALA B 96 -14.74 -14.34 -16.98
C ALA B 96 -13.71 -14.75 -15.93
N PHE B 97 -13.12 -13.76 -15.28
CA PHE B 97 -12.11 -14.01 -14.26
C PHE B 97 -12.74 -14.50 -12.95
N ASN B 98 -13.66 -13.71 -12.40
CA ASN B 98 -14.27 -14.03 -11.13
C ASN B 98 -15.49 -14.97 -11.23
N GLY B 99 -15.92 -15.22 -12.46
CA GLY B 99 -17.01 -16.15 -12.71
C GLY B 99 -18.36 -15.70 -12.17
N ILE B 100 -18.52 -14.38 -12.03
CA ILE B 100 -19.76 -13.83 -11.49
C ILE B 100 -20.75 -13.47 -12.59
N ASP B 101 -22.00 -13.90 -12.42
CA ASP B 101 -23.10 -13.49 -13.28
C ASP B 101 -23.87 -12.37 -12.59
N PRO B 102 -23.60 -11.11 -12.96
CA PRO B 102 -24.14 -9.93 -12.28
C PRO B 102 -25.64 -9.76 -12.49
N ASN B 103 -26.22 -10.48 -13.44
CA ASN B 103 -27.64 -10.36 -13.72
C ASN B 103 -28.46 -11.54 -13.21
N ASP B 104 -27.78 -12.48 -12.56
CA ASP B 104 -28.44 -13.62 -11.94
C ASP B 104 -29.35 -13.14 -10.82
N PRO B 105 -30.65 -13.44 -10.91
CA PRO B 105 -31.63 -12.99 -9.91
C PRO B 105 -31.51 -13.72 -8.57
N ASP B 106 -30.84 -14.87 -8.57
CA ASP B 106 -30.77 -15.71 -7.38
C ASP B 106 -29.44 -15.59 -6.62
N ARG B 107 -28.70 -14.52 -6.89
CA ARG B 107 -27.41 -14.32 -6.23
C ARG B 107 -27.55 -13.62 -4.88
N GLY B 108 -28.76 -13.17 -4.57
CA GLY B 108 -29.04 -12.51 -3.31
C GLY B 108 -28.33 -11.17 -3.20
N ALA B 109 -28.25 -10.45 -4.30
CA ALA B 109 -27.53 -9.19 -4.35
C ALA B 109 -28.30 -8.04 -3.71
N VAL B 110 -27.60 -7.20 -2.97
CA VAL B 110 -28.19 -6.00 -2.38
C VAL B 110 -27.52 -4.77 -2.97
N SER B 111 -28.07 -3.60 -2.68
CA SER B 111 -27.52 -2.34 -3.20
C SER B 111 -26.19 -2.02 -2.54
N GLU B 112 -25.43 -1.12 -3.17
CA GLU B 112 -24.16 -0.66 -2.61
C GLU B 112 -24.39 0.01 -1.26
N TYR B 113 -25.50 0.73 -1.15
CA TYR B 113 -25.87 1.39 0.09
C TYR B 113 -26.03 0.37 1.21
N GLU B 114 -26.91 -0.61 1.00
CA GLU B 114 -27.22 -1.61 2.02
C GLU B 114 -26.00 -2.38 2.50
N ALA B 115 -25.12 -2.74 1.56
CA ALA B 115 -23.91 -3.48 1.90
C ALA B 115 -22.95 -2.65 2.74
N LEU B 116 -22.63 -1.45 2.27
CA LEU B 116 -21.66 -0.60 2.94
C LEU B 116 -22.20 0.01 4.24
N HIS B 117 -23.51 0.27 4.27
CA HIS B 117 -24.13 0.84 5.47
C HIS B 117 -24.02 -0.13 6.63
N GLU B 118 -24.21 -1.42 6.36
CA GLU B 118 -24.10 -2.45 7.38
C GLU B 118 -22.64 -2.62 7.80
N ILE B 119 -21.75 -2.58 6.83
CA ILE B 119 -20.31 -2.68 7.10
C ILE B 119 -19.84 -1.53 7.97
N PHE B 120 -20.23 -0.31 7.60
CA PHE B 120 -19.85 0.88 8.35
C PHE B 120 -20.39 0.84 9.78
N LYS B 121 -21.61 0.34 9.93
CA LYS B 121 -22.24 0.22 11.25
C LYS B 121 -21.46 -0.71 12.16
N VAL B 122 -21.10 -1.87 11.63
CA VAL B 122 -20.33 -2.86 12.38
C VAL B 122 -18.93 -2.34 12.70
N VAL B 123 -18.33 -1.63 11.74
CA VAL B 123 -17.01 -1.05 11.93
C VAL B 123 -17.00 0.03 13.01
N ARG B 124 -17.94 0.97 12.93
CA ARG B 124 -18.05 2.02 13.95
C ARG B 124 -18.27 1.42 15.33
N LYS B 125 -19.13 0.41 15.41
CA LYS B 125 -19.40 -0.30 16.65
C LYS B 125 -18.12 -0.94 17.19
N GLY B 126 -17.30 -1.47 16.30
CA GLY B 126 -16.04 -2.09 16.68
C GLY B 126 -15.01 -1.05 17.08
N ILE B 127 -15.09 0.13 16.47
CA ILE B 127 -14.18 1.22 16.81
C ILE B 127 -14.41 1.72 18.24
N LYS B 128 -15.68 1.90 18.59
CA LYS B 128 -16.05 2.33 19.94
C LYS B 128 -15.64 1.31 21.01
N ALA B 129 -15.95 0.04 20.75
CA ALA B 129 -15.70 -1.02 21.72
C ALA B 129 -14.22 -1.25 21.99
N SER B 130 -13.39 -1.01 20.97
CA SER B 130 -11.95 -1.26 21.09
C SER B 130 -11.21 -0.03 21.63
N GLY B 131 -11.83 1.14 21.49
CA GLY B 131 -11.21 2.38 21.94
C GLY B 131 -10.35 3.01 20.88
N CYS B 132 -10.54 2.57 19.63
CA CYS B 132 -9.80 3.13 18.50
C CYS B 132 -10.41 4.45 18.06
N ASN B 133 -9.74 5.14 17.16
CA ASN B 133 -10.19 6.44 16.68
C ASN B 133 -10.80 6.36 15.28
N ARG B 134 -10.24 5.48 14.45
CA ARG B 134 -10.66 5.37 13.06
C ARG B 134 -10.27 4.00 12.51
N ALA B 135 -10.94 3.56 11.45
CA ALA B 135 -10.63 2.28 10.84
C ALA B 135 -9.63 2.45 9.69
N ILE B 136 -8.80 1.43 9.49
CA ILE B 136 -7.92 1.39 8.32
C ILE B 136 -8.13 0.08 7.57
N MET B 137 -8.20 0.16 6.25
CA MET B 137 -8.47 -1.02 5.44
C MET B 137 -7.24 -1.91 5.29
N VAL B 138 -7.40 -3.18 5.62
CA VAL B 138 -6.39 -4.19 5.36
C VAL B 138 -6.80 -4.97 4.11
N ALA B 139 -5.95 -4.98 3.10
CA ALA B 139 -6.27 -5.66 1.85
C ALA B 139 -5.02 -5.99 1.04
N HIS B 140 -5.14 -6.96 0.13
CA HIS B 140 -4.02 -7.35 -0.71
C HIS B 140 -4.00 -6.48 -1.95
N ASN B 141 -2.90 -5.76 -2.16
CA ASN B 141 -2.84 -4.66 -3.12
C ASN B 141 -3.99 -3.71 -2.79
N ALA B 142 -3.93 -3.17 -1.57
CA ALA B 142 -5.07 -2.54 -0.91
C ALA B 142 -5.70 -1.33 -1.61
N ASN B 143 -4.92 -0.63 -2.43
CA ASN B 143 -5.47 0.54 -3.11
C ASN B 143 -6.63 0.19 -4.04
N PHE B 144 -6.60 -1.02 -4.58
CA PHE B 144 -7.67 -1.50 -5.43
C PHE B 144 -8.98 -1.54 -4.67
N ASP B 145 -9.01 -2.31 -3.59
CA ASP B 145 -10.20 -2.47 -2.77
C ASP B 145 -10.61 -1.15 -2.14
N HIS B 146 -9.63 -0.35 -1.75
CA HIS B 146 -9.89 0.95 -1.13
C HIS B 146 -10.58 1.89 -2.09
N SER B 147 -10.05 2.00 -3.30
CA SER B 147 -10.62 2.89 -4.31
C SER B 147 -12.04 2.51 -4.70
N PHE B 148 -12.30 1.20 -4.74
CA PHE B 148 -13.63 0.71 -5.11
C PHE B 148 -14.66 0.94 -4.00
N MET B 149 -14.23 0.80 -2.75
CA MET B 149 -15.14 1.00 -1.64
C MET B 149 -15.46 2.49 -1.45
N MET B 150 -14.45 3.33 -1.65
CA MET B 150 -14.62 4.78 -1.54
C MET B 150 -15.55 5.30 -2.64
N ALA B 151 -15.38 4.77 -3.84
CA ALA B 151 -16.22 5.16 -4.98
C ALA B 151 -17.67 4.77 -4.73
N ALA B 152 -17.87 3.57 -4.20
CA ALA B 152 -19.21 3.08 -3.89
C ALA B 152 -19.82 3.86 -2.74
N ALA B 153 -18.97 4.31 -1.82
CA ALA B 153 -19.43 5.09 -0.68
C ALA B 153 -19.96 6.45 -1.11
N GLU B 154 -19.34 7.04 -2.13
CA GLU B 154 -19.77 8.34 -2.63
C GLU B 154 -21.02 8.21 -3.49
N ARG B 155 -21.10 7.14 -4.26
CA ARG B 155 -22.29 6.87 -5.08
C ARG B 155 -23.51 6.67 -4.20
N ALA B 156 -23.31 5.98 -3.07
CA ALA B 156 -24.40 5.74 -2.13
C ALA B 156 -24.59 6.92 -1.19
N SER B 157 -23.73 7.93 -1.35
CA SER B 157 -23.78 9.16 -0.55
C SER B 157 -23.75 8.88 0.95
N LEU B 158 -23.00 7.86 1.35
CA LEU B 158 -22.86 7.51 2.76
C LEU B 158 -21.99 8.52 3.49
N LYS B 159 -22.44 8.90 4.68
CA LYS B 159 -21.74 9.91 5.47
C LYS B 159 -21.00 9.29 6.65
N ARG B 160 -20.05 10.03 7.19
CA ARG B 160 -19.26 9.59 8.35
C ARG B 160 -18.54 8.27 8.08
N ASN B 161 -17.85 8.20 6.94
CA ASN B 161 -17.05 7.04 6.57
C ASN B 161 -15.96 6.80 7.60
N PRO B 162 -16.01 5.64 8.27
CA PRO B 162 -15.06 5.31 9.35
C PRO B 162 -13.68 4.90 8.84
N PHE B 163 -13.55 4.75 7.53
CA PHE B 163 -12.27 4.34 6.95
C PHE B 163 -11.37 5.53 6.62
N HIS B 164 -10.07 5.35 6.83
CA HIS B 164 -9.07 6.36 6.49
C HIS B 164 -9.16 6.62 4.98
N PRO B 165 -9.21 7.90 4.59
CA PRO B 165 -9.43 8.30 3.19
C PRO B 165 -8.30 7.95 2.22
N PHE B 166 -7.10 7.64 2.71
CA PHE B 166 -6.01 7.29 1.81
C PHE B 166 -5.02 6.25 2.36
N ALA B 167 -4.98 6.09 3.67
CA ALA B 167 -4.07 5.13 4.28
C ALA B 167 -4.65 3.71 4.31
N THR B 168 -3.81 2.73 4.01
CA THR B 168 -4.22 1.32 4.04
C THR B 168 -3.12 0.44 4.61
N PHE B 169 -3.48 -0.79 4.97
CA PHE B 169 -2.51 -1.82 5.34
C PHE B 169 -2.46 -2.86 4.24
N ASP B 170 -1.52 -2.68 3.30
CA ASP B 170 -1.39 -3.59 2.17
C ASP B 170 -0.66 -4.87 2.56
N THR B 171 -1.38 -5.99 2.52
CA THR B 171 -0.80 -7.28 2.89
C THR B 171 0.22 -7.78 1.87
N ALA B 172 0.19 -7.22 0.67
CA ALA B 172 1.18 -7.57 -0.34
C ALA B 172 2.56 -7.07 0.09
N ALA B 173 2.61 -5.83 0.55
CA ALA B 173 3.84 -5.24 1.06
C ALA B 173 4.25 -5.90 2.37
N LEU B 174 3.28 -6.14 3.24
CA LEU B 174 3.53 -6.77 4.53
C LEU B 174 4.06 -8.19 4.38
N ALA B 175 3.52 -8.93 3.41
CA ALA B 175 4.00 -10.28 3.15
C ALA B 175 5.37 -10.26 2.47
N GLY B 176 5.63 -9.22 1.69
CA GLY B 176 6.92 -9.04 1.05
C GLY B 176 8.02 -8.90 2.09
N LEU B 177 7.72 -8.16 3.15
CA LEU B 177 8.65 -7.98 4.26
C LEU B 177 8.76 -9.26 5.08
N ALA B 178 7.62 -9.80 5.48
CA ALA B 178 7.60 -10.93 6.41
C ALA B 178 7.94 -12.27 5.76
N LEU B 179 7.48 -12.47 4.53
CA LEU B 179 7.57 -13.79 3.90
C LEU B 179 8.38 -13.79 2.60
N GLY B 180 8.71 -12.61 2.10
CA GLY B 180 9.46 -12.49 0.87
C GLY B 180 8.64 -12.82 -0.36
N GLN B 181 7.31 -12.76 -0.20
CA GLN B 181 6.38 -13.06 -1.28
C GLN B 181 5.28 -12.00 -1.34
N THR B 182 4.83 -11.67 -2.54
CA THR B 182 3.82 -10.62 -2.69
C THR B 182 2.50 -11.16 -3.27
N VAL B 183 2.57 -12.31 -3.92
CA VAL B 183 1.36 -12.95 -4.44
C VAL B 183 0.57 -13.58 -3.29
N LEU B 184 -0.71 -13.28 -3.22
CA LEU B 184 -1.55 -13.72 -2.10
C LEU B 184 -1.51 -15.22 -1.86
N SER B 185 -1.64 -16.00 -2.93
CA SER B 185 -1.62 -17.45 -2.83
C SER B 185 -0.27 -17.95 -2.31
N LYS B 186 0.81 -17.42 -2.88
CA LYS B 186 2.15 -17.84 -2.50
C LYS B 186 2.51 -17.37 -1.08
N ALA B 187 2.02 -16.20 -0.71
CA ALA B 187 2.28 -15.65 0.63
C ALA B 187 1.62 -16.52 1.69
N CYS B 188 0.38 -16.90 1.46
CA CYS B 188 -0.35 -17.76 2.40
C CYS B 188 0.33 -19.11 2.55
N GLN B 189 0.72 -19.71 1.43
CA GLN B 189 1.39 -21.00 1.42
C GLN B 189 2.73 -20.93 2.15
N THR B 190 3.43 -19.81 1.96
CA THR B 190 4.71 -19.58 2.63
C THR B 190 4.51 -19.48 4.14
N ALA B 191 3.37 -18.91 4.54
CA ALA B 191 3.04 -18.78 5.95
C ALA B 191 2.56 -20.11 6.54
N GLY B 192 2.37 -21.10 5.67
CA GLY B 192 1.93 -22.41 6.10
C GLY B 192 0.42 -22.56 6.06
N MET B 193 -0.24 -21.56 5.47
CA MET B 193 -1.69 -21.58 5.35
C MET B 193 -2.12 -22.41 4.15
N ASP B 194 -3.33 -22.96 4.21
CA ASP B 194 -3.91 -23.65 3.07
C ASP B 194 -4.51 -22.61 2.13
N PHE B 195 -4.28 -22.76 0.84
CA PHE B 195 -4.88 -21.88 -0.15
C PHE B 195 -5.39 -22.66 -1.35
N ASP B 196 -6.68 -22.53 -1.62
CA ASP B 196 -7.33 -23.25 -2.71
C ASP B 196 -7.68 -22.29 -3.84
N SER B 197 -6.99 -22.45 -4.97
CA SER B 197 -7.23 -21.59 -6.14
C SER B 197 -8.66 -21.74 -6.65
N THR B 198 -9.28 -22.88 -6.35
CA THR B 198 -10.66 -23.14 -6.71
C THR B 198 -11.60 -22.18 -5.99
N GLN B 199 -11.37 -21.99 -4.71
CA GLN B 199 -12.22 -21.12 -3.90
C GLN B 199 -11.82 -19.65 -4.01
N ALA B 200 -10.68 -19.40 -4.65
CA ALA B 200 -10.19 -18.03 -4.82
C ALA B 200 -11.14 -17.18 -5.63
N HIS B 201 -10.94 -15.87 -5.58
CA HIS B 201 -11.75 -14.90 -6.32
C HIS B 201 -13.20 -14.84 -5.84
N SER B 202 -13.47 -15.51 -4.71
CA SER B 202 -14.70 -15.31 -3.97
C SER B 202 -14.37 -14.37 -2.82
N ALA B 203 -15.16 -13.32 -2.66
CA ALA B 203 -14.86 -12.27 -1.68
C ALA B 203 -14.70 -12.81 -0.27
N LEU B 204 -15.60 -13.69 0.15
CA LEU B 204 -15.54 -14.26 1.50
C LEU B 204 -14.27 -15.07 1.72
N TYR B 205 -13.94 -15.91 0.76
CA TYR B 205 -12.74 -16.76 0.86
C TYR B 205 -11.47 -15.92 0.88
N ASP B 206 -11.36 -14.99 -0.07
CA ASP B 206 -10.18 -14.13 -0.18
C ASP B 206 -9.99 -13.28 1.07
N THR B 207 -11.08 -12.78 1.63
CA THR B 207 -11.01 -11.94 2.82
C THR B 207 -10.55 -12.74 4.04
N GLU B 208 -11.07 -13.95 4.18
CA GLU B 208 -10.72 -14.81 5.30
C GLU B 208 -9.24 -15.17 5.25
N ARG B 209 -8.77 -15.54 4.07
CA ARG B 209 -7.36 -15.88 3.88
C ARG B 209 -6.47 -14.67 4.11
N THR B 210 -6.92 -13.51 3.64
CA THR B 210 -6.18 -12.27 3.83
C THR B 210 -6.13 -11.88 5.30
N ALA B 211 -7.24 -12.07 5.99
CA ALA B 211 -7.33 -11.76 7.43
C ALA B 211 -6.38 -12.63 8.24
N VAL B 212 -6.37 -13.92 7.96
CA VAL B 212 -5.49 -14.87 8.66
C VAL B 212 -4.03 -14.56 8.35
N LEU B 213 -3.75 -14.21 7.10
CA LEU B 213 -2.39 -13.84 6.70
C LEU B 213 -1.91 -12.62 7.46
N PHE B 214 -2.76 -11.60 7.54
CA PHE B 214 -2.43 -10.38 8.26
C PHE B 214 -2.19 -10.64 9.74
N CYS B 215 -3.09 -11.42 10.35
CA CYS B 215 -2.97 -11.75 11.76
C CYS B 215 -1.69 -12.53 12.05
N GLU B 216 -1.35 -13.46 11.16
CA GLU B 216 -0.14 -14.27 11.35
C GLU B 216 1.12 -13.44 11.24
N ILE B 217 1.16 -12.53 10.27
CA ILE B 217 2.30 -11.63 10.09
C ILE B 217 2.50 -10.79 11.35
N VAL B 218 1.41 -10.21 11.85
CA VAL B 218 1.46 -9.41 13.07
C VAL B 218 1.83 -10.27 14.28
N ASN B 219 1.22 -11.45 14.38
CA ASN B 219 1.51 -12.35 15.49
C ASN B 219 2.94 -12.91 15.46
N ARG B 220 3.45 -13.22 14.27
CA ARG B 220 4.81 -13.71 14.13
C ARG B 220 5.81 -12.63 14.53
N TRP B 221 5.49 -11.38 14.21
CA TRP B 221 6.34 -10.26 14.56
C TRP B 221 6.47 -10.16 16.07
N LYS B 222 5.35 -10.28 16.77
CA LYS B 222 5.32 -10.27 18.23
C LYS B 222 6.03 -11.49 18.79
N ARG B 223 5.82 -12.64 18.14
CA ARG B 223 6.38 -13.90 18.62
C ARG B 223 7.91 -13.90 18.61
N LEU B 224 8.49 -13.24 17.62
CA LEU B 224 9.94 -13.24 17.48
C LEU B 224 10.61 -12.08 18.21
N GLY B 225 9.83 -11.37 19.01
CA GLY B 225 10.35 -10.32 19.87
C GLY B 225 10.31 -8.93 19.26
N GLY B 226 9.54 -8.77 18.19
CA GLY B 226 9.44 -7.48 17.52
C GLY B 226 8.46 -6.54 18.19
N TRP B 227 7.56 -7.11 18.99
CA TRP B 227 6.57 -6.32 19.71
C TRP B 227 6.32 -6.93 21.09
N PRO B 228 6.22 -6.08 22.13
CA PRO B 228 6.31 -4.62 22.10
C PRO B 228 7.74 -4.12 21.84
N LEU B 229 7.87 -2.83 21.58
CA LEU B 229 9.16 -2.24 21.21
C LEU B 229 10.15 -2.28 22.35
N SER B 230 9.67 -2.02 23.57
CA SER B 230 10.54 -2.05 24.74
C SER B 230 10.11 -3.15 25.71
N ALA B 231 10.89 -4.23 25.76
CA ALA B 231 12.09 -4.37 24.94
C ALA B 231 11.94 -5.48 23.91
MG MG E . 7.53 14.85 0.51
MG MG F . -10.82 -11.90 -5.01
MG MG G . 5.54 12.40 0.21
MG MG H . -8.67 -9.07 -4.25
#